data_4JXT
#
_entry.id   4JXT
#
_cell.length_a   93.264
_cell.length_b   93.264
_cell.length_c   36.027
_cell.angle_alpha   90.000
_cell.angle_beta   90.000
_cell.angle_gamma   90.000
#
_symmetry.space_group_name_H-M   'I 4'
#
loop_
_entity.id
_entity.type
_entity.pdbx_description
1 polymer 'Regulation of nuclear pre-mRNA domain-containing protein 1A'
2 polymer 'DNA-directed RNA polymerase II subunit RPB1'
3 non-polymer 'UNKNOWN ATOM OR ION'
4 water water
#
loop_
_entity_poly.entity_id
_entity_poly.type
_entity_poly.pdbx_seq_one_letter_code
_entity_poly.pdbx_strand_id
1 'polypeptide(L)'
;GMSAFSEAALEKKLSELSNSQQSVQTLSLWLIHHRKHSRPIVTVWERELRKAKPNRKLTFLYLANDVIQNSKRKGPEFTK
DFAPVIVEAFKHVSSETDESCKKHLGRVLSIWEERSVYENDVLEQLKQALYGDKKPRK
;
A
2 'polypeptide(L)' (BTN)SP(SEP)YSPTSP(SEP)YSPTSP(SEP)YS(NH2) B
#
# COMPACT_ATOMS: atom_id res chain seq x y z
N SER A 3 -5.24 -8.18 -19.24
CA SER A 3 -6.64 -8.20 -18.71
C SER A 3 -7.21 -6.77 -18.70
N ALA A 4 -8.42 -6.60 -19.21
CA ALA A 4 -9.10 -5.34 -19.04
C ALA A 4 -9.47 -5.19 -17.57
N PHE A 5 -9.69 -3.96 -17.17
CA PHE A 5 -9.96 -3.70 -15.79
C PHE A 5 -11.41 -4.02 -15.43
N SER A 6 -11.61 -4.75 -14.33
CA SER A 6 -12.92 -4.85 -13.64
C SER A 6 -12.68 -4.92 -12.14
N GLU A 7 -13.65 -4.43 -11.38
CA GLU A 7 -13.56 -4.54 -9.91
C GLU A 7 -13.52 -5.95 -9.45
N ALA A 8 -14.35 -6.80 -10.07
CA ALA A 8 -14.35 -8.23 -9.71
C ALA A 8 -12.98 -8.93 -10.03
N ALA A 9 -12.34 -8.58 -11.13
CA ALA A 9 -11.04 -9.17 -11.47
C ALA A 9 -10.01 -8.71 -10.41
N LEU A 10 -10.05 -7.43 -10.05
CA LEU A 10 -9.17 -6.90 -8.99
C LEU A 10 -9.41 -7.60 -7.64
N GLU A 11 -10.68 -7.77 -7.29
CA GLU A 11 -11.05 -8.52 -6.07
C GLU A 11 -10.46 -9.94 -6.04
N LYS A 12 -10.51 -10.62 -7.18
CA LYS A 12 -9.95 -11.98 -7.29
C LYS A 12 -8.40 -11.98 -7.13
N LYS A 13 -7.73 -11.05 -7.84
CA LYS A 13 -6.27 -10.86 -7.70
C LYS A 13 -5.83 -10.57 -6.25
N LEU A 14 -6.60 -9.73 -5.56
CA LEU A 14 -6.31 -9.42 -4.14
C LEU A 14 -6.47 -10.64 -3.23
N SER A 15 -7.45 -11.53 -3.51
CA SER A 15 -7.56 -12.82 -2.78
C SER A 15 -6.37 -13.77 -2.98
N GLU A 16 -5.67 -13.61 -4.11
CA GLU A 16 -4.55 -14.48 -4.49
C GLU A 16 -3.18 -13.85 -4.12
N LEU A 17 -3.17 -12.56 -3.76
CA LEU A 17 -1.92 -11.85 -3.44
C LEU A 17 -1.19 -12.53 -2.30
N SER A 18 0.11 -12.71 -2.51
CA SER A 18 1.00 -13.27 -1.50
C SER A 18 2.20 -12.34 -1.31
N ASN A 19 3.04 -12.68 -0.35
CA ASN A 19 4.12 -11.81 0.05
C ASN A 19 5.38 -11.91 -0.84
N SER A 20 5.29 -12.61 -1.98
CA SER A 20 6.43 -12.78 -2.86
C SER A 20 6.66 -11.47 -3.65
N GLN A 21 7.91 -11.24 -4.01
CA GLN A 21 8.27 -10.07 -4.80
C GLN A 21 7.44 -10.09 -6.12
N GLN A 22 7.35 -11.29 -6.72
CA GLN A 22 6.68 -11.44 -8.03
C GLN A 22 5.17 -11.19 -7.90
N SER A 23 4.56 -11.60 -6.79
CA SER A 23 3.14 -11.46 -6.64
C SER A 23 2.74 -9.99 -6.47
N VAL A 24 3.40 -9.28 -5.53
CA VAL A 24 3.17 -7.84 -5.35
C VAL A 24 3.49 -7.04 -6.65
N GLN A 25 4.65 -7.29 -7.25
CA GLN A 25 5.07 -6.56 -8.46
C GLN A 25 4.12 -6.77 -9.64
N THR A 26 3.66 -8.00 -9.83
CA THR A 26 2.83 -8.30 -10.98
C THR A 26 1.46 -7.57 -10.87
N LEU A 27 0.90 -7.56 -9.68
CA LEU A 27 -0.39 -6.90 -9.47
C LEU A 27 -0.21 -5.38 -9.58
N SER A 28 0.88 -4.87 -9.01
CA SER A 28 1.18 -3.45 -9.06
C SER A 28 1.27 -2.93 -10.53
N LEU A 29 1.98 -3.66 -11.37
CA LEU A 29 2.19 -3.29 -12.76
C LEU A 29 0.81 -3.17 -13.48
N TRP A 30 -0.09 -4.10 -13.18
CA TRP A 30 -1.46 -4.11 -13.74
C TRP A 30 -2.21 -2.87 -13.26
N LEU A 31 -2.05 -2.52 -11.98
CA LEU A 31 -2.74 -1.38 -11.39
C LEU A 31 -2.24 -0.07 -12.00
N ILE A 32 -0.93 0.02 -12.23
CA ILE A 32 -0.32 1.18 -12.89
C ILE A 32 -0.74 1.32 -14.37
N HIS A 33 -0.75 0.20 -15.11
CA HIS A 33 -1.38 0.15 -16.43
C HIS A 33 -2.79 0.71 -16.42
N HIS A 34 -3.54 0.34 -15.41
CA HIS A 34 -4.99 0.71 -15.24
C HIS A 34 -5.23 1.92 -14.32
N ARG A 35 -4.26 2.85 -14.31
CA ARG A 35 -4.27 4.00 -13.40
C ARG A 35 -5.42 4.97 -13.60
N LYS A 36 -6.05 4.98 -14.79
CA LYS A 36 -7.28 5.71 -15.03
C LYS A 36 -8.34 5.35 -13.94
N HIS A 37 -8.27 4.12 -13.47
CA HIS A 37 -9.23 3.56 -12.51
C HIS A 37 -8.74 3.59 -11.08
N SER A 38 -7.81 4.49 -10.78
CA SER A 38 -7.16 4.51 -9.47
C SER A 38 -8.19 4.65 -8.30
N ARG A 39 -9.27 5.39 -8.51
CA ARG A 39 -10.28 5.54 -7.48
C ARG A 39 -10.99 4.25 -7.09
N PRO A 40 -11.69 3.58 -8.05
CA PRO A 40 -12.28 2.28 -7.71
C PRO A 40 -11.24 1.25 -7.26
N ILE A 41 -9.98 1.37 -7.76
CA ILE A 41 -8.91 0.48 -7.30
C ILE A 41 -8.72 0.67 -5.80
N VAL A 42 -8.60 1.91 -5.37
CA VAL A 42 -8.41 2.17 -3.94
C VAL A 42 -9.59 1.70 -3.09
N THR A 43 -10.81 1.92 -3.57
CA THR A 43 -12.04 1.49 -2.87
C THR A 43 -12.10 -0.04 -2.62
N VAL A 44 -11.85 -0.81 -3.70
CA VAL A 44 -11.80 -2.26 -3.65
C VAL A 44 -10.63 -2.74 -2.75
N TRP A 45 -9.47 -2.12 -2.92
CA TRP A 45 -8.28 -2.40 -2.11
C TRP A 45 -8.58 -2.27 -0.62
N GLU A 46 -9.22 -1.18 -0.24
CA GLU A 46 -9.55 -0.95 1.17
C GLU A 46 -10.55 -1.94 1.75
N ARG A 47 -11.55 -2.28 0.95
CA ARG A 47 -12.60 -3.18 1.36
C ARG A 47 -12.00 -4.55 1.61
N GLU A 48 -11.17 -5.01 0.69
CA GLU A 48 -10.56 -6.32 0.78
C GLU A 48 -9.45 -6.39 1.86
N LEU A 49 -8.76 -5.27 2.10
CA LEU A 49 -7.84 -5.20 3.24
C LEU A 49 -8.59 -5.47 4.57
N ARG A 50 -9.75 -4.86 4.73
CA ARG A 50 -10.50 -5.01 5.97
C ARG A 50 -11.08 -6.39 6.12
N LYS A 51 -11.35 -7.07 5.00
CA LYS A 51 -11.90 -8.41 5.00
C LYS A 51 -10.78 -9.44 5.24
N ALA A 52 -9.57 -9.11 4.83
CA ALA A 52 -8.46 -10.10 4.85
C ALA A 52 -8.08 -10.55 6.26
N LYS A 53 -7.66 -11.80 6.38
CA LYS A 53 -7.16 -12.34 7.65
C LYS A 53 -5.94 -11.55 8.10
N PRO A 54 -5.80 -11.32 9.42
CA PRO A 54 -4.71 -10.53 9.94
C PRO A 54 -3.37 -10.79 9.31
N ASN A 55 -3.01 -12.04 9.09
CA ASN A 55 -1.69 -12.35 8.58
C ASN A 55 -1.46 -12.02 7.09
N ARG A 56 -2.48 -11.52 6.40
CA ARG A 56 -2.34 -11.09 5.02
C ARG A 56 -2.41 -9.56 4.86
N LYS A 57 -2.71 -8.86 5.95
CA LYS A 57 -2.92 -7.42 5.88
C LYS A 57 -1.64 -6.66 5.52
N LEU A 58 -0.47 -7.05 6.08
CA LEU A 58 0.79 -6.35 5.71
C LEU A 58 0.99 -6.34 4.17
N THR A 59 0.68 -7.44 3.54
CA THR A 59 0.89 -7.60 2.10
C THR A 59 0.05 -6.61 1.30
N PHE A 60 -1.15 -6.30 1.79
CA PHE A 60 -1.96 -5.19 1.23
C PHE A 60 -1.24 -3.86 1.26
N LEU A 61 -0.55 -3.60 2.37
CA LEU A 61 0.18 -2.33 2.49
C LEU A 61 1.45 -2.34 1.63
N TYR A 62 2.07 -3.51 1.45
CA TYR A 62 3.18 -3.68 0.49
C TYR A 62 2.77 -3.35 -0.97
N LEU A 63 1.59 -3.81 -1.37
CA LEU A 63 1.04 -3.50 -2.67
C LEU A 63 0.81 -2.00 -2.82
N ALA A 64 0.16 -1.39 -1.83
CA ALA A 64 0.02 0.07 -1.77
C ALA A 64 1.39 0.76 -1.90
N ASN A 65 2.40 0.29 -1.16
CA ASN A 65 3.77 0.82 -1.31
C ASN A 65 4.27 0.77 -2.75
N ASP A 66 4.14 -0.40 -3.36
CA ASP A 66 4.62 -0.61 -4.72
C ASP A 66 3.90 0.25 -5.75
N VAL A 67 2.59 0.31 -5.67
CA VAL A 67 1.78 1.12 -6.60
C VAL A 67 2.08 2.60 -6.44
N ILE A 68 1.98 3.11 -5.22
CA ILE A 68 2.26 4.54 -4.99
C ILE A 68 3.67 4.91 -5.47
N GLN A 69 4.69 4.11 -5.07
CA GLN A 69 6.05 4.47 -5.46
C GLN A 69 6.27 4.39 -6.99
N ASN A 70 5.82 3.31 -7.58
CA ASN A 70 5.98 3.14 -9.03
C ASN A 70 5.11 4.12 -9.85
N SER A 71 4.07 4.70 -9.21
CA SER A 71 3.20 5.68 -9.88
C SER A 71 3.80 7.09 -9.98
N LYS A 72 4.82 7.37 -9.16
CA LYS A 72 5.35 8.73 -9.10
C LYS A 72 5.84 9.20 -10.47
N ARG A 73 6.50 8.32 -11.23
CA ARG A 73 6.96 8.66 -12.61
C ARG A 73 5.77 8.92 -13.59
N LYS A 74 4.57 8.45 -13.22
CA LYS A 74 3.39 8.56 -14.11
C LYS A 74 2.56 9.80 -13.84
N GLY A 75 2.39 10.13 -12.57
CA GLY A 75 1.58 11.28 -12.21
C GLY A 75 1.11 11.19 -10.77
N PRO A 76 0.44 12.24 -10.26
CA PRO A 76 0.05 12.33 -8.81
C PRO A 76 -1.20 11.54 -8.40
N GLU A 77 -1.90 10.96 -9.38
CA GLU A 77 -3.21 10.38 -9.16
C GLU A 77 -3.25 9.28 -8.07
N PHE A 78 -2.41 8.24 -8.16
CA PHE A 78 -2.43 7.21 -7.12
C PHE A 78 -2.08 7.71 -5.73
N THR A 79 -1.15 8.64 -5.64
CA THR A 79 -0.77 9.28 -4.38
C THR A 79 -2.01 9.95 -3.82
N LYS A 80 -2.62 10.80 -4.63
CA LYS A 80 -3.85 11.49 -4.20
C LYS A 80 -5.02 10.57 -3.84
N ASP A 81 -5.21 9.52 -4.58
CA ASP A 81 -6.38 8.64 -4.35
C ASP A 81 -6.16 7.66 -3.18
N PHE A 82 -4.92 7.28 -2.89
CA PHE A 82 -4.65 6.55 -1.64
C PHE A 82 -4.69 7.47 -0.41
N ALA A 83 -4.36 8.76 -0.61
CA ALA A 83 -4.27 9.72 0.50
C ALA A 83 -5.46 9.73 1.47
N PRO A 84 -6.70 9.69 0.98
CA PRO A 84 -7.79 9.78 1.97
C PRO A 84 -8.05 8.51 2.84
N VAL A 85 -7.44 7.37 2.51
CA VAL A 85 -7.66 6.12 3.27
C VAL A 85 -6.38 5.49 3.88
N ILE A 86 -5.21 5.99 3.48
CA ILE A 86 -3.94 5.34 3.85
C ILE A 86 -3.64 5.42 5.35
N VAL A 87 -4.00 6.52 6.00
CA VAL A 87 -3.79 6.63 7.45
C VAL A 87 -4.64 5.60 8.25
N GLU A 88 -5.95 5.51 7.94
CA GLU A 88 -6.83 4.54 8.58
C GLU A 88 -6.40 3.14 8.21
N ALA A 89 -5.83 2.93 7.01
CA ALA A 89 -5.27 1.60 6.63
C ALA A 89 -4.13 1.21 7.56
N PHE A 90 -3.19 2.12 7.80
CA PHE A 90 -2.13 1.88 8.80
C PHE A 90 -2.62 1.63 10.22
N LYS A 91 -3.63 2.39 10.66
CA LYS A 91 -4.23 2.21 11.99
C LYS A 91 -4.86 0.82 12.11
N HIS A 92 -5.54 0.41 11.04
CA HIS A 92 -6.20 -0.88 10.98
C HIS A 92 -5.23 -2.01 11.08
N VAL A 93 -4.19 -1.97 10.26
CA VAL A 93 -3.19 -3.05 10.25
C VAL A 93 -2.45 -3.10 11.58
N SER A 94 -2.21 -1.92 12.15
CA SER A 94 -1.56 -1.82 13.41
C SER A 94 -2.37 -2.46 14.55
N SER A 95 -3.68 -2.20 14.58
CA SER A 95 -4.60 -2.81 15.55
C SER A 95 -4.78 -4.32 15.36
N GLU A 96 -4.64 -4.78 14.11
CA GLU A 96 -4.97 -6.17 13.76
C GLU A 96 -3.76 -7.14 13.83
N THR A 97 -2.55 -6.61 13.93
CA THR A 97 -1.32 -7.42 13.91
C THR A 97 -0.42 -7.22 15.15
N ASP A 98 0.67 -7.99 15.21
CA ASP A 98 1.58 -7.96 16.36
C ASP A 98 2.80 -7.04 16.19
N GLU A 99 3.64 -6.98 17.24
CA GLU A 99 4.92 -6.25 17.21
C GLU A 99 5.76 -6.44 15.94
N SER A 100 5.93 -7.68 15.51
CA SER A 100 6.75 -8.02 14.35
C SER A 100 6.24 -7.35 13.09
N CYS A 101 4.94 -7.49 12.84
CA CYS A 101 4.33 -6.84 11.71
CA CYS A 101 4.33 -6.86 11.68
C CYS A 101 4.46 -5.32 11.79
N LYS A 102 4.28 -4.76 13.00
CA LYS A 102 4.45 -3.29 13.23
C LYS A 102 5.86 -2.78 12.91
N LYS A 103 6.88 -3.55 13.27
CA LYS A 103 8.26 -3.26 12.82
C LYS A 103 8.34 -3.18 11.27
N HIS A 104 7.73 -4.13 10.57
CA HIS A 104 7.65 -4.05 9.08
C HIS A 104 6.93 -2.82 8.61
N LEU A 105 5.83 -2.47 9.26
CA LEU A 105 5.06 -1.26 8.89
C LEU A 105 5.87 0.00 9.11
N GLY A 106 6.59 0.03 10.22
CA GLY A 106 7.50 1.13 10.57
C GLY A 106 8.59 1.35 9.54
N ARG A 107 9.11 0.25 8.99
CA ARG A 107 10.10 0.33 7.93
C ARG A 107 9.53 0.94 6.67
N VAL A 108 8.32 0.54 6.29
CA VAL A 108 7.67 1.17 5.16
C VAL A 108 7.54 2.70 5.39
N LEU A 109 7.08 3.07 6.58
CA LEU A 109 7.01 4.47 6.93
C LEU A 109 8.40 5.20 6.83
N SER A 110 9.46 4.55 7.31
CA SER A 110 10.81 5.15 7.20
CA SER A 110 10.80 5.14 7.21
C SER A 110 11.21 5.32 5.74
N ILE A 111 10.88 4.35 4.91
CA ILE A 111 11.17 4.41 3.44
C ILE A 111 10.39 5.60 2.82
N TRP A 112 9.12 5.70 3.21
CA TRP A 112 8.24 6.80 2.75
C TRP A 112 8.76 8.14 3.16
N GLU A 113 9.28 8.27 4.39
CA GLU A 113 9.88 9.54 4.82
CA GLU A 113 9.91 9.50 4.86
C GLU A 113 11.13 9.86 4.00
N GLU A 114 12.04 8.90 3.87
CA GLU A 114 13.29 9.17 3.17
C GLU A 114 13.14 9.41 1.66
N ARG A 115 12.13 8.82 1.03
CA ARG A 115 11.84 9.01 -0.40
C ARG A 115 10.75 10.07 -0.68
N SER A 116 10.30 10.77 0.37
CA SER A 116 9.20 11.77 0.28
C SER A 116 7.99 11.25 -0.51
N VAL A 117 7.51 10.09 -0.11
CA VAL A 117 6.37 9.49 -0.80
C VAL A 117 5.08 10.30 -0.52
N TYR A 118 4.96 10.79 0.71
CA TYR A 118 3.92 11.76 1.14
C TYR A 118 4.61 12.94 1.77
N GLU A 119 3.88 14.06 1.82
CA GLU A 119 4.33 15.25 2.50
C GLU A 119 4.30 14.99 4.03
N ASN A 120 4.99 15.82 4.80
CA ASN A 120 5.17 15.57 6.23
C ASN A 120 3.85 15.56 7.01
N ASP A 121 2.84 16.27 6.49
CA ASP A 121 1.51 16.27 7.15
C ASP A 121 0.98 14.83 7.21
N VAL A 122 1.02 14.14 6.10
CA VAL A 122 0.56 12.76 6.10
C VAL A 122 1.52 11.81 6.82
N LEU A 123 2.82 12.02 6.67
CA LEU A 123 3.80 11.17 7.36
C LEU A 123 3.62 11.26 8.90
N GLU A 124 3.31 12.46 9.39
CA GLU A 124 3.09 12.69 10.81
CA GLU A 124 3.09 12.66 10.83
C GLU A 124 1.84 11.94 11.30
N GLN A 125 0.78 11.93 10.49
CA GLN A 125 -0.42 11.16 10.80
C GLN A 125 -0.15 9.65 10.80
N LEU A 126 0.66 9.18 9.83
CA LEU A 126 1.04 7.75 9.77
C LEU A 126 1.81 7.33 11.02
N LYS A 127 2.72 8.18 11.47
CA LYS A 127 3.51 7.89 12.66
C LYS A 127 2.65 7.83 13.91
N GLN A 128 1.69 8.76 14.03
CA GLN A 128 0.76 8.76 15.17
C GLN A 128 -0.10 7.48 15.16
N ALA A 129 -0.59 7.12 13.98
CA ALA A 129 -1.34 5.87 13.75
C ALA A 129 -0.56 4.60 14.18
N LEU A 130 0.75 4.59 13.97
CA LEU A 130 1.59 3.44 14.40
C LEU A 130 2.07 3.49 15.84
N TYR A 131 2.51 4.66 16.28
CA TYR A 131 3.21 4.80 17.56
C TYR A 131 2.51 5.67 18.61
N GLY A 132 1.23 6.00 18.43
CA GLY A 132 0.55 6.90 19.38
C GLY A 132 -0.64 6.26 20.06
N ASP A 133 -1.15 6.91 21.11
N PRO B 3 10.91 -15.94 -2.96
CA PRO B 3 11.63 -14.66 -2.81
C PRO B 3 10.68 -13.56 -2.39
N TYR B 5 8.86 -10.07 -0.90
CA TYR B 5 8.81 -8.68 -1.34
C TYR B 5 9.72 -7.76 -0.48
N SER B 6 10.37 -6.80 -1.15
CA SER B 6 11.20 -5.78 -0.53
C SER B 6 10.59 -4.43 -0.83
N PRO B 7 10.22 -3.69 0.23
CA PRO B 7 9.57 -2.39 0.07
C PRO B 7 10.51 -1.30 -0.46
N THR B 8 11.84 -1.54 -0.46
CA THR B 8 12.80 -0.66 -1.09
C THR B 8 12.99 -0.95 -2.59
N SER B 9 12.32 -2.01 -3.10
CA SER B 9 12.52 -2.46 -4.48
C SER B 9 12.09 -1.48 -5.55
N PRO B 10 11.04 -0.65 -5.29
CA PRO B 10 10.68 0.29 -6.36
C PRO B 10 11.82 1.28 -6.70
N TYR B 12 13.31 4.61 -7.22
N TYR B 12 13.05 4.58 -7.07
CA TYR B 12 13.21 6.04 -6.86
CA TYR B 12 12.48 5.85 -6.66
C TYR B 12 14.47 6.82 -7.23
C TYR B 12 13.12 6.37 -5.43
N SER B 13 13.16 7.69 -5.33
CA SER B 13 13.26 8.35 -4.04
C SER B 13 12.74 9.76 -4.04
#